data_9GDW
#
_entry.id   9GDW
#
_entity_poly.entity_id   1
_entity_poly.type   'polypeptide(L)'
_entity_poly.pdbx_seq_one_letter_code
;MENDPRVRKFASDGAQWAIKWQKKGWSTLTSRQKQTARAAMGIKL
;
_entity_poly.pdbx_strand_id   A
#
# COMPACT_ATOMS: atom_id res chain seq x y z
N MET A 1 -11.08 1.19 -0.53
CA MET A 1 -9.84 1.98 -0.63
C MET A 1 -9.40 2.12 -2.08
N GLU A 2 -9.26 3.35 -2.52
CA GLU A 2 -8.80 3.64 -3.87
C GLU A 2 -7.53 4.48 -3.82
N ASN A 3 -7.48 5.36 -2.83
CA ASN A 3 -6.35 6.25 -2.66
C ASN A 3 -6.34 6.73 -1.22
N ASP A 4 -6.33 5.78 -0.32
CA ASP A 4 -6.47 6.04 1.10
C ASP A 4 -5.34 6.93 1.62
N PRO A 5 -5.65 7.76 2.62
CA PRO A 5 -4.72 8.73 3.19
C PRO A 5 -3.55 8.04 3.89
N ARG A 6 -3.84 6.87 4.46
CA ARG A 6 -2.80 6.05 5.05
C ARG A 6 -1.78 5.67 4.00
N VAL A 7 -2.29 5.22 2.85
CA VAL A 7 -1.46 4.81 1.72
C VAL A 7 -0.59 5.96 1.27
N ARG A 8 -1.16 7.16 1.32
CA ARG A 8 -0.45 8.37 0.94
C ARG A 8 0.65 8.70 1.94
N LYS A 9 0.40 8.44 3.21
CA LYS A 9 1.38 8.70 4.24
C LYS A 9 2.60 7.80 4.06
N PHE A 10 2.35 6.52 3.81
CA PHE A 10 3.43 5.57 3.57
C PHE A 10 4.17 5.91 2.29
N ALA A 11 3.43 6.21 1.24
CA ALA A 11 4.03 6.55 -0.04
C ALA A 11 4.89 7.79 0.09
N SER A 12 4.49 8.70 0.96
CA SER A 12 5.25 9.91 1.23
C SER A 12 6.48 9.58 2.07
N ASP A 13 6.35 8.53 2.87
CA ASP A 13 7.43 8.05 3.72
C ASP A 13 8.48 7.33 2.89
N GLY A 14 8.06 6.91 1.70
CA GLY A 14 8.94 6.19 0.81
C GLY A 14 8.67 4.70 0.83
N ALA A 15 7.46 4.34 1.23
CA ALA A 15 7.03 2.95 1.17
C ALA A 15 6.66 2.58 -0.27
N GLN A 16 7.58 1.89 -0.93
CA GLN A 16 7.41 1.49 -2.33
C GLN A 16 6.10 0.74 -2.54
N TRP A 17 5.73 -0.11 -1.59
CA TRP A 17 4.51 -0.86 -1.69
C TRP A 17 3.31 0.09 -1.80
N ALA A 18 3.27 1.10 -0.93
CA ALA A 18 2.16 2.04 -0.91
C ALA A 18 2.18 2.93 -2.13
N ILE A 19 3.37 3.37 -2.51
CA ILE A 19 3.57 4.17 -3.70
C ILE A 19 2.99 3.46 -4.91
N LYS A 20 3.36 2.19 -5.05
CA LYS A 20 2.86 1.37 -6.14
C LYS A 20 1.36 1.11 -6.01
N TRP A 21 0.94 0.72 -4.81
CA TRP A 21 -0.45 0.36 -4.54
C TRP A 21 -1.38 1.52 -4.86
N GLN A 22 -0.98 2.71 -4.43
CA GLN A 22 -1.77 3.92 -4.66
C GLN A 22 -1.80 4.31 -6.14
N LYS A 23 -0.63 4.45 -6.73
CA LYS A 23 -0.50 5.02 -8.06
C LYS A 23 -0.73 4.02 -9.18
N LYS A 24 -0.04 2.91 -9.11
CA LYS A 24 -0.09 1.90 -10.17
C LYS A 24 -1.27 0.98 -10.00
N GLY A 25 -1.87 1.04 -8.83
CA GLY A 25 -3.00 0.20 -8.53
C GLY A 25 -2.65 -0.89 -7.56
N TRP A 26 -3.65 -1.35 -6.81
CA TRP A 26 -3.44 -2.33 -5.76
C TRP A 26 -3.00 -3.69 -6.34
N SER A 27 -3.24 -3.86 -7.62
CA SER A 27 -2.87 -5.09 -8.32
C SER A 27 -1.34 -5.26 -8.42
N THR A 28 -0.60 -4.16 -8.45
CA THR A 28 0.80 -4.20 -8.84
C THR A 28 1.74 -4.70 -7.73
N LEU A 29 1.21 -4.90 -6.54
CA LEU A 29 2.01 -5.44 -5.45
C LEU A 29 1.97 -6.95 -5.43
N THR A 30 3.04 -7.54 -4.94
CA THR A 30 3.09 -8.98 -4.75
C THR A 30 2.54 -9.32 -3.38
N SER A 31 2.34 -10.60 -3.10
CA SER A 31 1.74 -11.02 -1.84
C SER A 31 2.54 -10.50 -0.65
N ARG A 32 3.87 -10.55 -0.74
CA ARG A 32 4.72 -10.10 0.36
C ARG A 32 4.57 -8.61 0.61
N GLN A 33 4.43 -7.83 -0.46
CA GLN A 33 4.24 -6.39 -0.34
C GLN A 33 2.86 -6.09 0.23
N LYS A 34 1.85 -6.80 -0.27
CA LYS A 34 0.49 -6.64 0.23
C LYS A 34 0.43 -7.05 1.69
N GLN A 35 1.10 -8.15 2.02
CA GLN A 35 1.17 -8.66 3.36
C GLN A 35 1.85 -7.66 4.30
N THR A 36 2.89 -7.02 3.81
CA THR A 36 3.57 -5.98 4.55
C THR A 36 2.62 -4.81 4.77
N ALA A 37 1.88 -4.51 3.73
CA ALA A 37 0.89 -3.46 3.75
C ALA A 37 -0.22 -3.76 4.76
N ARG A 38 -0.65 -5.02 4.82
CA ARG A 38 -1.71 -5.42 5.72
C ARG A 38 -1.32 -5.20 7.16
N ALA A 39 -0.04 -5.31 7.45
CA ALA A 39 0.46 -5.09 8.79
C ALA A 39 0.44 -3.61 9.14
N ALA A 40 0.90 -2.79 8.21
CA ALA A 40 0.96 -1.36 8.41
C ALA A 40 -0.43 -0.72 8.39
N MET A 41 -1.25 -1.16 7.45
CA MET A 41 -2.56 -0.56 7.23
C MET A 41 -3.65 -1.25 8.04
N GLY A 42 -3.34 -2.42 8.57
CA GLY A 42 -4.32 -3.19 9.31
C GLY A 42 -5.32 -3.88 8.41
N ILE A 43 -4.93 -4.10 7.16
CA ILE A 43 -5.82 -4.66 6.15
C ILE A 43 -6.00 -6.16 6.33
N LYS A 44 -7.22 -6.63 6.08
CA LYS A 44 -7.53 -8.04 6.12
C LYS A 44 -7.70 -8.60 4.72
N LEU A 45 -7.80 -7.70 3.75
CA LEU A 45 -7.91 -8.08 2.35
C LEU A 45 -6.57 -8.62 1.84
N MET A 1 -11.03 0.78 -0.28
CA MET A 1 -9.81 1.62 -0.29
C MET A 1 -9.40 1.98 -1.70
N GLU A 2 -9.16 3.27 -1.93
CA GLU A 2 -8.71 3.77 -3.21
C GLU A 2 -7.95 5.08 -3.02
N ASN A 3 -6.64 5.02 -3.22
CA ASN A 3 -5.78 6.18 -2.95
C ASN A 3 -6.00 6.67 -1.52
N ASP A 4 -6.19 5.71 -0.62
CA ASP A 4 -6.46 5.96 0.78
C ASP A 4 -5.42 6.90 1.39
N PRO A 5 -5.83 7.68 2.38
CA PRO A 5 -4.97 8.66 3.05
C PRO A 5 -3.85 7.99 3.82
N ARG A 6 -4.13 6.77 4.28
CA ARG A 6 -3.10 5.95 4.91
C ARG A 6 -2.02 5.61 3.91
N VAL A 7 -2.44 5.22 2.71
CA VAL A 7 -1.52 4.83 1.64
C VAL A 7 -0.59 6.00 1.31
N ARG A 8 -1.16 7.20 1.37
CA ARG A 8 -0.42 8.40 1.04
C ARG A 8 0.65 8.69 2.10
N LYS A 9 0.35 8.37 3.35
CA LYS A 9 1.29 8.56 4.44
C LYS A 9 2.55 7.73 4.20
N PHE A 10 2.34 6.48 3.84
CA PHE A 10 3.43 5.56 3.61
C PHE A 10 4.18 5.89 2.34
N ALA A 11 3.45 6.18 1.28
CA ALA A 11 4.06 6.53 0.00
C ALA A 11 4.92 7.78 0.14
N SER A 12 4.49 8.70 0.99
CA SER A 12 5.25 9.91 1.24
C SER A 12 6.48 9.60 2.09
N ASP A 13 6.35 8.55 2.90
CA ASP A 13 7.44 8.08 3.75
C ASP A 13 8.49 7.37 2.92
N GLY A 14 8.09 6.96 1.73
CA GLY A 14 8.97 6.23 0.84
C GLY A 14 8.70 4.75 0.85
N ALA A 15 7.49 4.38 1.25
CA ALA A 15 7.07 2.99 1.17
C ALA A 15 6.72 2.63 -0.26
N GLN A 16 7.65 1.96 -0.93
CA GLN A 16 7.48 1.58 -2.34
C GLN A 16 6.19 0.81 -2.56
N TRP A 17 5.85 -0.09 -1.63
CA TRP A 17 4.63 -0.86 -1.74
C TRP A 17 3.42 0.07 -1.82
N ALA A 18 3.39 1.08 -0.95
CA ALA A 18 2.28 2.03 -0.90
C ALA A 18 2.27 2.91 -2.13
N ILE A 19 3.45 3.36 -2.52
CA ILE A 19 3.64 4.15 -3.72
C ILE A 19 3.06 3.42 -4.94
N LYS A 20 3.44 2.15 -5.06
CA LYS A 20 2.92 1.31 -6.12
C LYS A 20 1.40 1.13 -6.00
N TRP A 21 0.97 0.78 -4.80
CA TRP A 21 -0.43 0.47 -4.51
C TRP A 21 -1.32 1.67 -4.80
N GLN A 22 -0.88 2.84 -4.40
CA GLN A 22 -1.62 4.07 -4.64
C GLN A 22 -1.67 4.44 -6.12
N LYS A 23 -0.51 4.53 -6.73
CA LYS A 23 -0.38 5.09 -8.07
C LYS A 23 -0.73 4.10 -9.16
N LYS A 24 -0.15 2.92 -9.09
CA LYS A 24 -0.31 1.93 -10.15
C LYS A 24 -1.51 1.04 -9.87
N GLY A 25 -2.01 1.13 -8.66
CA GLY A 25 -3.15 0.31 -8.26
C GLY A 25 -2.76 -0.83 -7.35
N TRP A 26 -3.73 -1.31 -6.59
CA TRP A 26 -3.48 -2.32 -5.57
C TRP A 26 -3.07 -3.66 -6.20
N SER A 27 -3.44 -3.84 -7.46
CA SER A 27 -3.13 -5.06 -8.19
C SER A 27 -1.63 -5.23 -8.47
N THR A 28 -0.85 -4.15 -8.33
CA THR A 28 0.54 -4.18 -8.77
C THR A 28 1.50 -4.70 -7.72
N LEU A 29 1.04 -4.88 -6.50
CA LEU A 29 1.89 -5.43 -5.44
C LEU A 29 1.82 -6.94 -5.41
N THR A 30 2.91 -7.55 -4.96
CA THR A 30 2.97 -8.98 -4.80
C THR A 30 2.48 -9.35 -3.40
N SER A 31 2.29 -10.63 -3.14
CA SER A 31 1.70 -11.08 -1.88
C SER A 31 2.49 -10.56 -0.68
N ARG A 32 3.81 -10.57 -0.76
CA ARG A 32 4.64 -10.16 0.37
C ARG A 32 4.55 -8.66 0.60
N GLN A 33 4.46 -7.89 -0.49
CA GLN A 33 4.29 -6.45 -0.36
C GLN A 33 2.89 -6.12 0.15
N LYS A 34 1.90 -6.87 -0.33
CA LYS A 34 0.54 -6.71 0.15
C LYS A 34 0.45 -7.09 1.63
N GLN A 35 1.16 -8.15 1.99
CA GLN A 35 1.22 -8.63 3.35
C GLN A 35 1.89 -7.61 4.26
N THR A 36 2.97 -7.02 3.78
CA THR A 36 3.67 -5.96 4.49
C THR A 36 2.74 -4.76 4.66
N ALA A 37 1.97 -4.53 3.62
CA ALA A 37 1.01 -3.46 3.59
C ALA A 37 -0.09 -3.67 4.61
N ARG A 38 -0.53 -4.92 4.76
CA ARG A 38 -1.56 -5.27 5.72
C ARG A 38 -1.16 -4.89 7.14
N ALA A 39 0.13 -4.93 7.41
CA ALA A 39 0.64 -4.56 8.71
C ALA A 39 0.55 -3.06 8.92
N ALA A 40 0.98 -2.30 7.91
CA ALA A 40 0.98 -0.86 7.99
C ALA A 40 -0.43 -0.29 7.89
N MET A 41 -1.20 -0.81 6.95
CA MET A 41 -2.52 -0.30 6.66
C MET A 41 -3.56 -0.88 7.58
N GLY A 42 -3.19 -1.94 8.29
CA GLY A 42 -4.13 -2.62 9.16
C GLY A 42 -5.14 -3.45 8.39
N ILE A 43 -4.76 -3.84 7.17
CA ILE A 43 -5.63 -4.61 6.30
C ILE A 43 -5.68 -6.08 6.71
N LYS A 44 -6.86 -6.65 6.65
CA LYS A 44 -7.06 -8.03 7.01
C LYS A 44 -7.34 -8.91 5.81
N LEU A 45 -7.49 -8.28 4.66
CA LEU A 45 -7.74 -8.98 3.40
C LEU A 45 -6.62 -9.97 3.09
N MET A 1 -11.60 1.03 -1.44
CA MET A 1 -10.53 2.00 -1.11
C MET A 1 -9.56 2.11 -2.27
N GLU A 2 -9.17 3.34 -2.57
CA GLU A 2 -8.28 3.61 -3.68
C GLU A 2 -7.56 4.94 -3.45
N ASN A 3 -6.24 4.93 -3.61
CA ASN A 3 -5.42 6.10 -3.32
C ASN A 3 -5.71 6.62 -1.92
N ASP A 4 -6.00 5.68 -1.03
CA ASP A 4 -6.33 5.99 0.35
C ASP A 4 -5.25 6.85 1.00
N PRO A 5 -5.65 7.71 1.94
CA PRO A 5 -4.77 8.67 2.60
C PRO A 5 -3.71 7.98 3.44
N ARG A 6 -4.08 6.82 3.97
CA ARG A 6 -3.13 5.97 4.70
C ARG A 6 -2.00 5.58 3.78
N VAL A 7 -2.38 5.13 2.58
CA VAL A 7 -1.45 4.70 1.56
C VAL A 7 -0.52 5.85 1.19
N ARG A 8 -1.08 7.06 1.18
CA ARG A 8 -0.33 8.24 0.83
C ARG A 8 0.71 8.57 1.88
N LYS A 9 0.38 8.33 3.15
CA LYS A 9 1.29 8.60 4.24
C LYS A 9 2.53 7.73 4.13
N PHE A 10 2.31 6.46 3.82
CA PHE A 10 3.42 5.52 3.65
C PHE A 10 4.19 5.83 2.38
N ALA A 11 3.47 6.11 1.31
CA ALA A 11 4.11 6.45 0.04
C ALA A 11 4.95 7.72 0.19
N SER A 12 4.48 8.62 1.04
CA SER A 12 5.20 9.85 1.32
C SER A 12 6.41 9.55 2.20
N ASP A 13 6.29 8.48 2.97
CA ASP A 13 7.37 8.01 3.84
C ASP A 13 8.44 7.31 3.01
N GLY A 14 8.05 6.90 1.81
CA GLY A 14 8.94 6.19 0.93
C GLY A 14 8.67 4.70 0.91
N ALA A 15 7.46 4.32 1.31
CA ALA A 15 7.03 2.94 1.22
C ALA A 15 6.70 2.59 -0.22
N GLN A 16 7.62 1.90 -0.88
CA GLN A 16 7.48 1.50 -2.28
C GLN A 16 6.17 0.75 -2.51
N TRP A 17 5.80 -0.11 -1.57
CA TRP A 17 4.56 -0.86 -1.68
C TRP A 17 3.38 0.10 -1.80
N ALA A 18 3.34 1.11 -0.94
CA ALA A 18 2.25 2.06 -0.92
C ALA A 18 2.28 2.95 -2.16
N ILE A 19 3.49 3.37 -2.52
CA ILE A 19 3.71 4.17 -3.72
C ILE A 19 3.15 3.46 -4.94
N LYS A 20 3.48 2.19 -5.06
CA LYS A 20 2.97 1.35 -6.15
C LYS A 20 1.46 1.15 -6.02
N TRP A 21 1.03 0.77 -4.83
CA TRP A 21 -0.38 0.42 -4.57
C TRP A 21 -1.31 1.58 -4.85
N GLN A 22 -0.90 2.76 -4.42
CA GLN A 22 -1.71 3.95 -4.59
C GLN A 22 -1.85 4.35 -6.07
N LYS A 23 -0.72 4.53 -6.71
CA LYS A 23 -0.68 5.10 -8.05
C LYS A 23 -0.97 4.09 -9.13
N LYS A 24 -0.26 2.98 -9.09
CA LYS A 24 -0.32 2.01 -10.17
C LYS A 24 -1.47 1.05 -9.97
N GLY A 25 -2.04 1.09 -8.78
CA GLY A 25 -3.15 0.21 -8.47
C GLY A 25 -2.77 -0.88 -7.49
N TRP A 26 -3.74 -1.38 -6.76
CA TRP A 26 -3.52 -2.35 -5.72
C TRP A 26 -3.07 -3.70 -6.32
N SER A 27 -3.41 -3.90 -7.58
CA SER A 27 -3.04 -5.12 -8.29
C SER A 27 -1.53 -5.24 -8.52
N THR A 28 -0.78 -4.14 -8.38
CA THR A 28 0.63 -4.14 -8.79
C THR A 28 1.57 -4.71 -7.74
N LEU A 29 1.10 -4.86 -6.51
CA LEU A 29 1.95 -5.40 -5.46
C LEU A 29 1.90 -6.91 -5.42
N THR A 30 3.00 -7.49 -4.98
CA THR A 30 3.07 -8.94 -4.82
C THR A 30 2.51 -9.31 -3.45
N SER A 31 2.31 -10.60 -3.21
CA SER A 31 1.67 -11.04 -1.99
C SER A 31 2.42 -10.57 -0.75
N ARG A 32 3.75 -10.57 -0.82
CA ARG A 32 4.57 -10.15 0.31
C ARG A 32 4.44 -8.65 0.56
N GLN A 33 4.36 -7.86 -0.50
CA GLN A 33 4.21 -6.43 -0.36
C GLN A 33 2.82 -6.10 0.18
N LYS A 34 1.82 -6.85 -0.26
CA LYS A 34 0.48 -6.69 0.24
C LYS A 34 0.41 -7.08 1.71
N GLN A 35 1.06 -8.19 2.04
CA GLN A 35 1.13 -8.67 3.41
C GLN A 35 1.83 -7.65 4.31
N THR A 36 2.90 -7.06 3.80
CA THR A 36 3.62 -6.02 4.51
C THR A 36 2.72 -4.81 4.70
N ALA A 37 1.92 -4.55 3.69
CA ALA A 37 0.96 -3.47 3.72
C ALA A 37 -0.13 -3.72 4.76
N ARG A 38 -0.57 -4.97 4.86
CA ARG A 38 -1.61 -5.36 5.79
C ARG A 38 -1.20 -5.09 7.23
N ALA A 39 0.09 -5.19 7.50
CA ALA A 39 0.60 -4.94 8.84
C ALA A 39 0.52 -3.45 9.17
N ALA A 40 0.96 -2.63 8.23
CA ALA A 40 0.95 -1.18 8.42
C ALA A 40 -0.47 -0.62 8.35
N MET A 41 -1.22 -1.05 7.36
CA MET A 41 -2.54 -0.49 7.09
C MET A 41 -3.62 -1.18 7.90
N GLY A 42 -3.28 -2.32 8.47
CA GLY A 42 -4.25 -3.11 9.21
C GLY A 42 -5.23 -3.83 8.29
N ILE A 43 -4.80 -4.04 7.06
CA ILE A 43 -5.64 -4.66 6.05
C ILE A 43 -5.78 -6.16 6.27
N LYS A 44 -6.96 -6.68 5.99
CA LYS A 44 -7.22 -8.09 6.17
C LYS A 44 -7.54 -8.80 4.86
N LEU A 45 -7.50 -8.07 3.76
CA LEU A 45 -7.66 -8.66 2.44
C LEU A 45 -6.59 -9.73 2.20
N MET A 1 -9.82 1.08 -1.26
CA MET A 1 -9.39 2.29 -0.53
C MET A 1 -8.69 3.26 -1.46
N GLU A 2 -9.35 3.59 -2.56
CA GLU A 2 -8.79 4.41 -3.63
C GLU A 2 -7.93 5.57 -3.10
N ASN A 3 -6.63 5.45 -3.30
CA ASN A 3 -5.66 6.48 -2.94
C ASN A 3 -5.91 7.02 -1.53
N ASP A 4 -6.15 6.11 -0.61
CA ASP A 4 -6.42 6.45 0.78
C ASP A 4 -5.29 7.28 1.37
N PRO A 5 -5.62 8.10 2.37
CA PRO A 5 -4.67 9.00 3.03
C PRO A 5 -3.59 8.21 3.75
N ARG A 6 -3.97 7.03 4.24
CA ARG A 6 -3.03 6.11 4.86
C ARG A 6 -1.97 5.70 3.85
N VAL A 7 -2.45 5.33 2.66
CA VAL A 7 -1.59 4.89 1.57
C VAL A 7 -0.62 6.01 1.20
N ARG A 8 -1.13 7.24 1.27
CA ARG A 8 -0.32 8.42 0.95
C ARG A 8 0.74 8.67 2.02
N LYS A 9 0.41 8.38 3.27
CA LYS A 9 1.34 8.59 4.37
C LYS A 9 2.55 7.68 4.23
N PHE A 10 2.31 6.42 3.90
CA PHE A 10 3.39 5.47 3.71
C PHE A 10 4.16 5.79 2.44
N ALA A 11 3.44 6.12 1.39
CA ALA A 11 4.06 6.47 0.12
C ALA A 11 4.94 7.69 0.29
N SER A 12 4.54 8.59 1.19
CA SER A 12 5.31 9.78 1.50
C SER A 12 6.55 9.40 2.31
N ASP A 13 6.42 8.33 3.09
CA ASP A 13 7.51 7.84 3.92
C ASP A 13 8.54 7.10 3.06
N GLY A 14 8.12 6.74 1.87
CA GLY A 14 8.99 5.99 0.97
C GLY A 14 8.66 4.52 0.95
N ALA A 15 7.43 4.19 1.34
CA ALA A 15 6.95 2.82 1.26
C ALA A 15 6.60 2.47 -0.17
N GLN A 16 7.54 1.83 -0.87
CA GLN A 16 7.37 1.44 -2.27
C GLN A 16 6.07 0.68 -2.49
N TRP A 17 5.70 -0.18 -1.55
CA TRP A 17 4.48 -0.94 -1.67
C TRP A 17 3.28 0.00 -1.79
N ALA A 18 3.22 0.99 -0.90
CA ALA A 18 2.11 1.94 -0.88
C ALA A 18 2.16 2.83 -2.09
N ILE A 19 3.35 3.28 -2.43
CA ILE A 19 3.57 4.10 -3.60
C ILE A 19 3.05 3.39 -4.86
N LYS A 20 3.44 2.14 -5.00
CA LYS A 20 2.99 1.33 -6.13
C LYS A 20 1.48 1.14 -6.08
N TRP A 21 0.98 0.75 -4.91
CA TRP A 21 -0.43 0.50 -4.70
C TRP A 21 -1.25 1.73 -5.04
N GLN A 22 -0.69 2.88 -4.69
CA GLN A 22 -1.34 4.16 -4.88
C GLN A 22 -1.50 4.55 -6.35
N LYS A 23 -0.40 4.61 -7.08
CA LYS A 23 -0.43 5.05 -8.46
C LYS A 23 -0.78 3.93 -9.44
N LYS A 24 -0.10 2.81 -9.31
CA LYS A 24 -0.21 1.74 -10.29
C LYS A 24 -1.43 0.89 -10.02
N GLY A 25 -1.97 1.03 -8.82
CA GLY A 25 -3.13 0.28 -8.45
C GLY A 25 -2.79 -0.83 -7.49
N TRP A 26 -3.78 -1.24 -6.71
CA TRP A 26 -3.59 -2.25 -5.68
C TRP A 26 -3.21 -3.61 -6.30
N SER A 27 -3.53 -3.79 -7.56
CA SER A 27 -3.22 -5.02 -8.28
C SER A 27 -1.71 -5.23 -8.50
N THR A 28 -0.90 -4.18 -8.36
CA THR A 28 0.49 -4.24 -8.81
C THR A 28 1.48 -4.70 -7.74
N LEU A 29 1.02 -4.89 -6.52
CA LEU A 29 1.90 -5.39 -5.46
C LEU A 29 1.94 -6.90 -5.44
N THR A 30 3.06 -7.43 -5.00
CA THR A 30 3.22 -8.85 -4.83
C THR A 30 2.69 -9.27 -3.47
N SER A 31 2.58 -10.56 -3.22
CA SER A 31 1.98 -11.07 -2.01
C SER A 31 2.70 -10.53 -0.77
N ARG A 32 4.03 -10.46 -0.83
CA ARG A 32 4.82 -10.00 0.31
C ARG A 32 4.66 -8.50 0.53
N GLN A 33 4.48 -7.75 -0.54
CA GLN A 33 4.26 -6.32 -0.42
C GLN A 33 2.86 -6.07 0.14
N LYS A 34 1.88 -6.84 -0.33
CA LYS A 34 0.54 -6.74 0.19
C LYS A 34 0.49 -7.18 1.65
N GLN A 35 1.25 -8.22 1.98
CA GLN A 35 1.35 -8.73 3.33
C GLN A 35 1.93 -7.67 4.26
N THR A 36 2.98 -7.01 3.78
CA THR A 36 3.61 -5.93 4.52
C THR A 36 2.62 -4.78 4.69
N ALA A 37 1.85 -4.56 3.64
CA ALA A 37 0.81 -3.55 3.64
C ALA A 37 -0.27 -3.85 4.66
N ARG A 38 -0.62 -5.13 4.79
CA ARG A 38 -1.63 -5.56 5.75
C ARG A 38 -1.20 -5.24 7.17
N ALA A 39 0.10 -5.28 7.40
CA ALA A 39 0.64 -4.99 8.71
C ALA A 39 0.60 -3.49 8.99
N ALA A 40 1.02 -2.70 8.01
CA ALA A 40 1.08 -1.25 8.15
C ALA A 40 -0.32 -0.62 8.16
N MET A 41 -1.17 -1.08 7.25
CA MET A 41 -2.50 -0.52 7.08
C MET A 41 -3.52 -1.19 7.97
N GLY A 42 -3.14 -2.33 8.54
CA GLY A 42 -4.03 -3.08 9.37
C GLY A 42 -5.08 -3.82 8.57
N ILE A 43 -4.78 -4.08 7.31
CA ILE A 43 -5.70 -4.74 6.40
C ILE A 43 -5.83 -6.22 6.72
N LYS A 44 -7.04 -6.73 6.64
CA LYS A 44 -7.29 -8.13 6.94
C LYS A 44 -7.66 -8.92 5.68
N LEU A 45 -7.76 -8.22 4.56
CA LEU A 45 -8.03 -8.86 3.29
C LEU A 45 -6.94 -9.90 2.96
N MET A 1 -11.06 1.27 -1.77
CA MET A 1 -10.01 2.31 -1.60
C MET A 1 -9.31 2.57 -2.92
N GLU A 2 -9.02 3.83 -3.18
CA GLU A 2 -8.35 4.24 -4.40
C GLU A 2 -7.19 5.16 -4.08
N ASN A 3 -7.34 5.92 -3.01
CA ASN A 3 -6.31 6.85 -2.59
C ASN A 3 -6.48 7.19 -1.12
N ASP A 4 -6.47 6.15 -0.29
CA ASP A 4 -6.62 6.31 1.14
C ASP A 4 -5.46 7.14 1.71
N PRO A 5 -5.74 7.89 2.78
CA PRO A 5 -4.76 8.80 3.40
C PRO A 5 -3.60 8.05 4.01
N ARG A 6 -3.88 6.85 4.52
CA ARG A 6 -2.84 5.99 5.07
C ARG A 6 -1.83 5.66 3.98
N VAL A 7 -2.36 5.28 2.83
CA VAL A 7 -1.55 4.88 1.69
C VAL A 7 -0.65 6.03 1.25
N ARG A 8 -1.17 7.24 1.35
CA ARG A 8 -0.41 8.43 0.99
C ARG A 8 0.71 8.68 2.00
N LYS A 9 0.41 8.50 3.27
CA LYS A 9 1.38 8.71 4.33
C LYS A 9 2.60 7.81 4.13
N PHE A 10 2.35 6.56 3.81
CA PHE A 10 3.42 5.59 3.59
C PHE A 10 4.18 5.90 2.32
N ALA A 11 3.44 6.20 1.25
CA ALA A 11 4.07 6.51 -0.02
C ALA A 11 4.96 7.74 0.11
N SER A 12 4.56 8.67 0.97
CA SER A 12 5.34 9.87 1.22
C SER A 12 6.55 9.52 2.09
N ASP A 13 6.40 8.46 2.89
CA ASP A 13 7.46 7.97 3.75
C ASP A 13 8.51 7.25 2.93
N GLY A 14 8.10 6.85 1.73
CA GLY A 14 8.98 6.11 0.85
C GLY A 14 8.66 4.63 0.84
N ALA A 15 7.45 4.29 1.26
CA ALA A 15 6.97 2.93 1.17
C ALA A 15 6.65 2.57 -0.27
N GLN A 16 7.61 1.91 -0.92
CA GLN A 16 7.46 1.52 -2.33
C GLN A 16 6.18 0.76 -2.57
N TRP A 17 5.79 -0.09 -1.62
CA TRP A 17 4.57 -0.85 -1.73
C TRP A 17 3.36 0.10 -1.86
N ALA A 18 3.30 1.11 -0.98
CA ALA A 18 2.19 2.05 -0.98
C ALA A 18 2.22 2.93 -2.21
N ILE A 19 3.42 3.36 -2.57
CA ILE A 19 3.64 4.16 -3.76
C ILE A 19 3.10 3.44 -5.00
N LYS A 20 3.45 2.17 -5.11
CA LYS A 20 2.97 1.34 -6.20
C LYS A 20 1.47 1.09 -6.08
N TRP A 21 1.03 0.71 -4.88
CA TRP A 21 -0.35 0.33 -4.63
C TRP A 21 -1.30 1.48 -4.93
N GLN A 22 -0.94 2.67 -4.46
CA GLN A 22 -1.76 3.86 -4.66
C GLN A 22 -1.84 4.27 -6.12
N LYS A 23 -0.69 4.45 -6.73
CA LYS A 23 -0.59 5.05 -8.04
C LYS A 23 -0.91 4.09 -9.17
N LYS A 24 -0.26 2.95 -9.14
CA LYS A 24 -0.33 2.01 -10.26
C LYS A 24 -1.46 1.03 -10.08
N GLY A 25 -2.06 1.06 -8.91
CA GLY A 25 -3.15 0.16 -8.60
C GLY A 25 -2.75 -0.92 -7.63
N TRP A 26 -3.70 -1.40 -6.84
CA TRP A 26 -3.43 -2.36 -5.78
C TRP A 26 -3.01 -3.72 -6.37
N SER A 27 -3.30 -3.92 -7.65
CA SER A 27 -2.92 -5.15 -8.34
C SER A 27 -1.40 -5.29 -8.51
N THR A 28 -0.66 -4.17 -8.40
CA THR A 28 0.75 -4.16 -8.79
C THR A 28 1.68 -4.77 -7.73
N LEU A 29 1.19 -4.89 -6.50
CA LEU A 29 2.02 -5.44 -5.43
C LEU A 29 1.96 -6.95 -5.41
N THR A 30 3.03 -7.54 -4.92
CA THR A 30 3.09 -8.97 -4.75
C THR A 30 2.54 -9.33 -3.39
N SER A 31 2.31 -10.61 -3.13
CA SER A 31 1.66 -11.04 -1.90
C SER A 31 2.43 -10.55 -0.68
N ARG A 32 3.75 -10.56 -0.75
CA ARG A 32 4.59 -10.13 0.38
C ARG A 32 4.46 -8.64 0.63
N GLN A 33 4.38 -7.85 -0.44
CA GLN A 33 4.22 -6.42 -0.31
C GLN A 33 2.84 -6.08 0.20
N LYS A 34 1.84 -6.84 -0.25
CA LYS A 34 0.48 -6.68 0.24
C LYS A 34 0.41 -7.08 1.70
N GLN A 35 1.15 -8.13 2.06
CA GLN A 35 1.20 -8.61 3.42
C GLN A 35 1.82 -7.56 4.34
N THR A 36 2.88 -6.93 3.88
CA THR A 36 3.51 -5.84 4.60
C THR A 36 2.54 -4.66 4.69
N ALA A 37 1.81 -4.47 3.62
CA ALA A 37 0.81 -3.42 3.54
C ALA A 37 -0.33 -3.65 4.52
N ARG A 38 -0.71 -4.91 4.70
CA ARG A 38 -1.76 -5.28 5.64
C ARG A 38 -1.41 -4.84 7.05
N ALA A 39 -0.13 -4.81 7.36
CA ALA A 39 0.33 -4.41 8.67
C ALA A 39 0.22 -2.90 8.82
N ALA A 40 0.69 -2.18 7.82
CA ALA A 40 0.71 -0.72 7.85
C ALA A 40 -0.70 -0.14 7.71
N MET A 41 -1.46 -0.68 6.76
CA MET A 41 -2.79 -0.15 6.47
C MET A 41 -3.83 -0.73 7.41
N GLY A 42 -3.46 -1.80 8.11
CA GLY A 42 -4.39 -2.48 8.98
C GLY A 42 -5.35 -3.39 8.21
N ILE A 43 -4.95 -3.76 7.00
CA ILE A 43 -5.78 -4.61 6.15
C ILE A 43 -5.64 -6.07 6.58
N LYS A 44 -6.70 -6.85 6.36
CA LYS A 44 -6.68 -8.27 6.64
C LYS A 44 -7.17 -9.08 5.45
N LEU A 45 -7.49 -8.37 4.38
CA LEU A 45 -7.90 -8.99 3.12
C LEU A 45 -6.91 -10.06 2.68
N MET A 1 -10.12 0.87 -1.98
CA MET A 1 -9.64 1.91 -1.04
C MET A 1 -9.18 3.16 -1.78
N GLU A 2 -9.22 3.10 -3.11
CA GLU A 2 -8.80 4.19 -4.00
C GLU A 2 -7.53 4.90 -3.52
N ASN A 3 -7.64 6.14 -3.11
CA ASN A 3 -6.49 6.91 -2.69
C ASN A 3 -6.59 7.23 -1.20
N ASP A 4 -6.54 6.20 -0.38
CA ASP A 4 -6.63 6.35 1.06
C ASP A 4 -5.47 7.19 1.59
N PRO A 5 -5.72 7.97 2.64
CA PRO A 5 -4.74 8.86 3.25
C PRO A 5 -3.60 8.08 3.89
N ARG A 6 -3.93 6.90 4.40
CA ARG A 6 -2.93 6.01 4.98
C ARG A 6 -1.92 5.61 3.93
N VAL A 7 -2.43 5.22 2.77
CA VAL A 7 -1.60 4.79 1.65
C VAL A 7 -0.67 5.93 1.24
N ARG A 8 -1.19 7.15 1.33
CA ARG A 8 -0.42 8.34 1.03
C ARG A 8 0.66 8.58 2.08
N LYS A 9 0.32 8.33 3.33
CA LYS A 9 1.26 8.54 4.43
C LYS A 9 2.52 7.69 4.23
N PHE A 10 2.31 6.44 3.86
CA PHE A 10 3.41 5.53 3.62
C PHE A 10 4.14 5.86 2.34
N ALA A 11 3.39 6.12 1.27
CA ALA A 11 4.00 6.45 -0.01
C ALA A 11 4.81 7.73 0.10
N SER A 12 4.35 8.64 0.96
CA SER A 12 5.04 9.89 1.20
C SER A 12 6.30 9.64 2.02
N ASP A 13 6.29 8.55 2.77
CA ASP A 13 7.42 8.18 3.62
C ASP A 13 8.45 7.41 2.80
N GLY A 14 8.04 6.98 1.63
CA GLY A 14 8.91 6.22 0.76
C GLY A 14 8.63 4.73 0.82
N ALA A 15 7.43 4.38 1.22
CA ALA A 15 6.99 2.99 1.18
C ALA A 15 6.65 2.58 -0.24
N GLN A 16 7.58 1.88 -0.87
CA GLN A 16 7.44 1.46 -2.27
C GLN A 16 6.14 0.70 -2.50
N TRP A 17 5.76 -0.15 -1.56
CA TRP A 17 4.53 -0.91 -1.68
C TRP A 17 3.33 0.05 -1.79
N ALA A 18 3.28 1.05 -0.92
CA ALA A 18 2.18 1.99 -0.90
C ALA A 18 2.19 2.87 -2.13
N ILE A 19 3.38 3.29 -2.51
CA ILE A 19 3.58 4.06 -3.72
C ILE A 19 3.02 3.33 -4.93
N LYS A 20 3.39 2.06 -5.05
CA LYS A 20 2.90 1.21 -6.13
C LYS A 20 1.39 1.01 -6.02
N TRP A 21 0.94 0.67 -4.82
CA TRP A 21 -0.45 0.34 -4.56
C TRP A 21 -1.36 1.53 -4.87
N GLN A 22 -0.96 2.71 -4.41
CA GLN A 22 -1.72 3.92 -4.64
C GLN A 22 -1.72 4.35 -6.10
N LYS A 23 -0.53 4.48 -6.65
CA LYS A 23 -0.36 5.11 -7.95
C LYS A 23 -0.71 4.21 -9.12
N LYS A 24 -0.12 3.03 -9.14
CA LYS A 24 -0.24 2.14 -10.29
C LYS A 24 -1.37 1.15 -10.08
N GLY A 25 -1.92 1.16 -8.89
CA GLY A 25 -3.03 0.28 -8.59
C GLY A 25 -2.66 -0.80 -7.60
N TRP A 26 -3.64 -1.29 -6.88
CA TRP A 26 -3.43 -2.29 -5.84
C TRP A 26 -2.99 -3.63 -6.44
N SER A 27 -3.29 -3.81 -7.71
CA SER A 27 -2.92 -5.03 -8.42
C SER A 27 -1.40 -5.18 -8.60
N THR A 28 -0.66 -4.08 -8.48
CA THR A 28 0.76 -4.09 -8.84
C THR A 28 1.65 -4.72 -7.77
N LEU A 29 1.13 -4.89 -6.56
CA LEU A 29 1.93 -5.44 -5.49
C LEU A 29 1.86 -6.96 -5.45
N THR A 30 2.93 -7.54 -4.96
CA THR A 30 3.02 -8.98 -4.79
C THR A 30 2.53 -9.37 -3.40
N SER A 31 2.37 -10.65 -3.15
CA SER A 31 1.79 -11.12 -1.90
C SER A 31 2.55 -10.60 -0.67
N ARG A 32 3.87 -10.57 -0.76
CA ARG A 32 4.68 -10.15 0.38
C ARG A 32 4.57 -8.66 0.63
N GLN A 33 4.45 -7.88 -0.44
CA GLN A 33 4.27 -6.45 -0.30
C GLN A 33 2.87 -6.13 0.17
N LYS A 34 1.89 -6.90 -0.29
CA LYS A 34 0.53 -6.76 0.17
C LYS A 34 0.43 -7.14 1.64
N GLN A 35 1.12 -8.21 2.01
CA GLN A 35 1.15 -8.67 3.39
C GLN A 35 1.80 -7.62 4.29
N THR A 36 2.89 -7.04 3.81
CA THR A 36 3.57 -5.98 4.54
C THR A 36 2.65 -4.77 4.67
N ALA A 37 1.89 -4.54 3.61
CA ALA A 37 0.91 -3.48 3.59
C ALA A 37 -0.17 -3.71 4.63
N ARG A 38 -0.61 -4.96 4.76
CA ARG A 38 -1.63 -5.33 5.73
C ARG A 38 -1.16 -5.04 7.15
N ALA A 39 0.14 -5.16 7.36
CA ALA A 39 0.72 -4.89 8.67
C ALA A 39 0.76 -3.39 8.95
N ALA A 40 1.20 -2.62 7.96
CA ALA A 40 1.32 -1.18 8.12
C ALA A 40 -0.05 -0.50 8.15
N MET A 41 -0.95 -0.96 7.28
CA MET A 41 -2.26 -0.34 7.14
C MET A 41 -3.27 -0.96 8.08
N GLY A 42 -2.92 -2.10 8.65
CA GLY A 42 -3.83 -2.80 9.54
C GLY A 42 -4.95 -3.50 8.78
N ILE A 43 -4.70 -3.79 7.51
CA ILE A 43 -5.70 -4.41 6.64
C ILE A 43 -5.89 -5.88 6.97
N LYS A 44 -7.13 -6.34 6.91
CA LYS A 44 -7.46 -7.72 7.17
C LYS A 44 -7.93 -8.43 5.91
N LEU A 45 -8.10 -7.68 4.84
CA LEU A 45 -8.51 -8.23 3.55
C LEU A 45 -7.52 -9.29 3.07
N MET A 1 -11.08 0.82 -1.40
CA MET A 1 -9.97 1.76 -1.14
C MET A 1 -9.43 2.30 -2.45
N GLU A 2 -9.22 3.60 -2.51
CA GLU A 2 -8.72 4.25 -3.72
C GLU A 2 -7.83 5.43 -3.35
N ASN A 3 -6.53 5.20 -3.39
CA ASN A 3 -5.57 6.23 -2.99
C ASN A 3 -5.85 6.69 -1.57
N ASP A 4 -6.15 5.70 -0.73
CA ASP A 4 -6.47 5.92 0.67
C ASP A 4 -5.40 6.79 1.34
N PRO A 5 -5.82 7.61 2.32
CA PRO A 5 -4.98 8.61 2.98
C PRO A 5 -3.81 7.98 3.72
N ARG A 6 -4.06 6.80 4.27
CA ARG A 6 -3.00 6.03 4.93
C ARG A 6 -1.93 5.65 3.92
N VAL A 7 -2.38 5.20 2.76
CA VAL A 7 -1.49 4.78 1.69
C VAL A 7 -0.60 5.94 1.27
N ARG A 8 -1.16 7.14 1.30
CA ARG A 8 -0.42 8.34 0.95
C ARG A 8 0.67 8.62 1.96
N LYS A 9 0.39 8.38 3.23
CA LYS A 9 1.35 8.63 4.28
C LYS A 9 2.57 7.74 4.11
N PHE A 10 2.33 6.48 3.80
CA PHE A 10 3.40 5.52 3.60
C PHE A 10 4.16 5.82 2.31
N ALA A 11 3.42 6.08 1.24
CA ALA A 11 4.03 6.38 -0.04
C ALA A 11 4.91 7.62 0.06
N SER A 12 4.47 8.55 0.90
CA SER A 12 5.23 9.78 1.13
C SER A 12 6.46 9.46 1.99
N ASP A 13 6.33 8.43 2.81
CA ASP A 13 7.41 7.98 3.69
C ASP A 13 8.48 7.26 2.89
N GLY A 14 8.10 6.82 1.70
CA GLY A 14 8.98 6.06 0.86
C GLY A 14 8.67 4.58 0.89
N ALA A 15 7.42 4.26 1.26
CA ALA A 15 6.95 2.89 1.20
C ALA A 15 6.63 2.51 -0.23
N GLN A 16 7.56 1.81 -0.86
CA GLN A 16 7.44 1.38 -2.25
C GLN A 16 6.12 0.66 -2.50
N TRP A 17 5.71 -0.17 -1.55
CA TRP A 17 4.47 -0.91 -1.66
C TRP A 17 3.29 0.06 -1.81
N ALA A 18 3.25 1.07 -0.95
CA ALA A 18 2.16 2.04 -0.95
C ALA A 18 2.23 2.91 -2.20
N ILE A 19 3.44 3.30 -2.56
CA ILE A 19 3.69 4.08 -3.76
C ILE A 19 3.13 3.36 -4.99
N LYS A 20 3.45 2.09 -5.09
CA LYS A 20 2.94 1.26 -6.17
C LYS A 20 1.43 1.06 -6.06
N TRP A 21 0.98 0.68 -4.87
CA TRP A 21 -0.42 0.36 -4.62
C TRP A 21 -1.33 1.55 -4.92
N GLN A 22 -0.90 2.71 -4.47
CA GLN A 22 -1.68 3.93 -4.68
C GLN A 22 -1.69 4.35 -6.14
N LYS A 23 -0.52 4.52 -6.72
CA LYS A 23 -0.38 5.17 -8.01
C LYS A 23 -0.72 4.24 -9.16
N LYS A 24 -0.15 3.07 -9.16
CA LYS A 24 -0.32 2.14 -10.28
C LYS A 24 -1.49 1.19 -10.06
N GLY A 25 -2.04 1.26 -8.86
CA GLY A 25 -3.16 0.40 -8.52
C GLY A 25 -2.76 -0.72 -7.59
N TRP A 26 -3.74 -1.23 -6.85
CA TRP A 26 -3.49 -2.24 -5.82
C TRP A 26 -3.06 -3.57 -6.47
N SER A 27 -3.39 -3.73 -7.74
CA SER A 27 -3.07 -4.94 -8.47
C SER A 27 -1.55 -5.13 -8.67
N THR A 28 -0.77 -4.07 -8.47
CA THR A 28 0.64 -4.09 -8.85
C THR A 28 1.55 -4.71 -7.79
N LEU A 29 1.06 -4.87 -6.58
CA LEU A 29 1.89 -5.40 -5.51
C LEU A 29 1.85 -6.91 -5.45
N THR A 30 2.94 -7.48 -4.95
CA THR A 30 3.04 -8.91 -4.77
C THR A 30 2.51 -9.28 -3.39
N SER A 31 2.33 -10.57 -3.13
CA SER A 31 1.74 -11.01 -1.88
C SER A 31 2.52 -10.49 -0.68
N ARG A 32 3.85 -10.51 -0.79
CA ARG A 32 4.70 -10.07 0.31
C ARG A 32 4.52 -8.60 0.60
N GLN A 33 4.48 -7.79 -0.44
CA GLN A 33 4.29 -6.35 -0.28
C GLN A 33 2.89 -6.05 0.25
N LYS A 34 1.91 -6.83 -0.18
CA LYS A 34 0.56 -6.69 0.33
C LYS A 34 0.49 -7.09 1.80
N GLN A 35 1.21 -8.14 2.17
CA GLN A 35 1.29 -8.56 3.57
C GLN A 35 1.92 -7.48 4.42
N THR A 36 3.01 -6.92 3.92
CA THR A 36 3.67 -5.80 4.60
C THR A 36 2.70 -4.65 4.76
N ALA A 37 1.91 -4.43 3.72
CA ALA A 37 0.87 -3.43 3.75
C ALA A 37 -0.18 -3.75 4.81
N ARG A 38 -0.55 -5.01 4.92
CA ARG A 38 -1.52 -5.47 5.91
C ARG A 38 -1.08 -5.16 7.32
N ALA A 39 0.22 -5.16 7.55
CA ALA A 39 0.76 -4.88 8.86
C ALA A 39 0.65 -3.40 9.18
N ALA A 40 1.04 -2.58 8.22
CA ALA A 40 1.02 -1.13 8.38
C ALA A 40 -0.41 -0.58 8.36
N MET A 41 -1.20 -1.06 7.40
CA MET A 41 -2.54 -0.54 7.17
C MET A 41 -3.59 -1.27 7.99
N GLY A 42 -3.20 -2.41 8.55
CA GLY A 42 -4.13 -3.21 9.33
C GLY A 42 -5.12 -3.95 8.45
N ILE A 43 -4.75 -4.17 7.20
CA ILE A 43 -5.62 -4.81 6.23
C ILE A 43 -5.71 -6.31 6.49
N LYS A 44 -6.88 -6.88 6.27
CA LYS A 44 -7.10 -8.30 6.48
C LYS A 44 -7.33 -9.05 5.17
N LEU A 45 -7.36 -8.31 4.07
CA LEU A 45 -7.48 -8.91 2.73
C LEU A 45 -6.38 -9.93 2.49
N MET A 1 -9.91 0.74 -1.63
CA MET A 1 -9.63 1.91 -0.78
C MET A 1 -9.29 3.14 -1.62
N GLU A 2 -8.98 2.91 -2.89
CA GLU A 2 -8.73 3.96 -3.90
C GLU A 2 -7.92 5.13 -3.34
N ASN A 3 -6.62 4.96 -3.26
CA ASN A 3 -5.70 6.01 -2.83
C ASN A 3 -6.02 6.51 -1.44
N ASP A 4 -6.19 5.56 -0.52
CA ASP A 4 -6.46 5.85 0.88
C ASP A 4 -5.41 6.81 1.44
N PRO A 5 -5.82 7.63 2.42
CA PRO A 5 -4.95 8.64 3.03
C PRO A 5 -3.81 8.02 3.80
N ARG A 6 -4.05 6.80 4.29
CA ARG A 6 -3.01 6.02 4.94
C ARG A 6 -1.94 5.62 3.94
N VAL A 7 -2.40 5.18 2.77
CA VAL A 7 -1.50 4.75 1.70
C VAL A 7 -0.60 5.90 1.28
N ARG A 8 -1.15 7.10 1.32
CA ARG A 8 -0.40 8.30 0.96
C ARG A 8 0.67 8.60 2.00
N LYS A 9 0.37 8.31 3.27
CA LYS A 9 1.31 8.55 4.35
C LYS A 9 2.56 7.70 4.15
N PHE A 10 2.35 6.43 3.84
CA PHE A 10 3.45 5.50 3.65
C PHE A 10 4.20 5.81 2.36
N ALA A 11 3.45 6.11 1.32
CA ALA A 11 4.07 6.43 0.04
C ALA A 11 4.95 7.67 0.18
N SER A 12 4.54 8.59 1.04
CA SER A 12 5.32 9.79 1.31
C SER A 12 6.54 9.44 2.17
N ASP A 13 6.39 8.37 2.94
CA ASP A 13 7.44 7.85 3.79
C ASP A 13 8.50 7.14 2.95
N GLY A 14 8.10 6.77 1.75
CA GLY A 14 8.97 6.05 0.85
C GLY A 14 8.66 4.57 0.82
N ALA A 15 7.47 4.22 1.26
CA ALA A 15 7.00 2.86 1.17
C ALA A 15 6.65 2.52 -0.27
N GLN A 16 7.59 1.87 -0.95
CA GLN A 16 7.40 1.49 -2.35
C GLN A 16 6.10 0.73 -2.57
N TRP A 17 5.74 -0.13 -1.62
CA TRP A 17 4.50 -0.87 -1.71
C TRP A 17 3.31 0.09 -1.82
N ALA A 18 3.27 1.09 -0.95
CA ALA A 18 2.17 2.04 -0.92
C ALA A 18 2.19 2.93 -2.15
N ILE A 19 3.38 3.36 -2.53
CA ILE A 19 3.58 4.15 -3.72
C ILE A 19 3.01 3.44 -4.94
N LYS A 20 3.37 2.17 -5.08
CA LYS A 20 2.88 1.34 -6.16
C LYS A 20 1.37 1.10 -6.03
N TRP A 21 0.94 0.73 -4.83
CA TRP A 21 -0.44 0.37 -4.57
C TRP A 21 -1.37 1.55 -4.86
N GLN A 22 -0.97 2.73 -4.42
CA GLN A 22 -1.75 3.93 -4.64
C GLN A 22 -1.81 4.33 -6.11
N LYS A 23 -0.62 4.51 -6.69
CA LYS A 23 -0.51 5.10 -8.01
C LYS A 23 -0.83 4.14 -9.14
N LYS A 24 -0.20 2.99 -9.10
CA LYS A 24 -0.31 2.04 -10.20
C LYS A 24 -1.44 1.06 -9.95
N GLY A 25 -2.01 1.13 -8.77
CA GLY A 25 -3.13 0.28 -8.43
C GLY A 25 -2.74 -0.85 -7.50
N TRP A 26 -3.71 -1.36 -6.77
CA TRP A 26 -3.47 -2.36 -5.75
C TRP A 26 -3.04 -3.69 -6.36
N SER A 27 -3.32 -3.87 -7.63
CA SER A 27 -2.95 -5.09 -8.35
C SER A 27 -1.43 -5.24 -8.51
N THR A 28 -0.69 -4.15 -8.38
CA THR A 28 0.72 -4.13 -8.77
C THR A 28 1.65 -4.73 -7.72
N LEU A 29 1.17 -4.90 -6.51
CA LEU A 29 2.01 -5.43 -5.44
C LEU A 29 1.98 -6.94 -5.42
N THR A 30 3.08 -7.51 -4.94
CA THR A 30 3.18 -8.94 -4.78
C THR A 30 2.62 -9.34 -3.42
N SER A 31 2.45 -10.62 -3.17
CA SER A 31 1.82 -11.07 -1.94
C SER A 31 2.58 -10.56 -0.72
N ARG A 32 3.90 -10.59 -0.77
CA ARG A 32 4.72 -10.15 0.36
C ARG A 32 4.52 -8.66 0.64
N GLN A 33 4.42 -7.87 -0.41
CA GLN A 33 4.23 -6.43 -0.26
C GLN A 33 2.84 -6.11 0.22
N LYS A 34 1.85 -6.87 -0.25
CA LYS A 34 0.49 -6.69 0.20
C LYS A 34 0.36 -7.06 1.68
N GLN A 35 0.96 -8.16 2.06
CA GLN A 35 0.98 -8.58 3.47
C GLN A 35 1.65 -7.52 4.33
N THR A 36 2.78 -7.04 3.85
CA THR A 36 3.51 -5.98 4.54
C THR A 36 2.64 -4.75 4.68
N ALA A 37 1.91 -4.46 3.62
CA ALA A 37 0.96 -3.38 3.61
C ALA A 37 -0.11 -3.59 4.66
N ARG A 38 -0.62 -4.81 4.76
CA ARG A 38 -1.67 -5.13 5.70
C ARG A 38 -1.21 -4.93 7.13
N ALA A 39 0.07 -5.13 7.36
CA ALA A 39 0.65 -4.93 8.68
C ALA A 39 0.68 -3.44 9.03
N ALA A 40 1.12 -2.64 8.08
CA ALA A 40 1.23 -1.20 8.28
C ALA A 40 -0.15 -0.53 8.30
N MET A 41 -1.02 -0.96 7.40
CA MET A 41 -2.33 -0.35 7.23
C MET A 41 -3.37 -0.96 8.15
N GLY A 42 -3.03 -2.12 8.71
CA GLY A 42 -3.97 -2.83 9.55
C GLY A 42 -5.06 -3.52 8.75
N ILE A 43 -4.76 -3.79 7.48
CA ILE A 43 -5.74 -4.36 6.57
C ILE A 43 -5.99 -5.83 6.87
N LYS A 44 -7.26 -6.21 6.83
CA LYS A 44 -7.66 -7.58 7.06
C LYS A 44 -8.11 -8.24 5.75
N LEU A 45 -8.23 -7.43 4.71
CA LEU A 45 -8.63 -7.91 3.40
C LEU A 45 -7.67 -8.98 2.89
N MET A 1 -9.31 1.05 -1.43
CA MET A 1 -9.13 2.37 -0.77
C MET A 1 -8.43 3.33 -1.72
N GLU A 2 -9.10 3.65 -2.82
CA GLU A 2 -8.50 4.45 -3.88
C GLU A 2 -7.80 5.68 -3.33
N ASN A 3 -6.48 5.60 -3.32
CA ASN A 3 -5.64 6.68 -2.84
C ASN A 3 -6.00 7.12 -1.42
N ASP A 4 -6.26 6.15 -0.56
CA ASP A 4 -6.52 6.42 0.87
C ASP A 4 -5.39 7.24 1.48
N PRO A 5 -5.72 8.06 2.49
CA PRO A 5 -4.79 8.99 3.13
C PRO A 5 -3.64 8.26 3.83
N ARG A 6 -3.93 7.08 4.38
CA ARG A 6 -2.91 6.26 5.00
C ARG A 6 -1.90 5.80 3.97
N VAL A 7 -2.42 5.37 2.81
CA VAL A 7 -1.58 4.90 1.71
C VAL A 7 -0.65 6.03 1.27
N ARG A 8 -1.16 7.26 1.33
CA ARG A 8 -0.37 8.45 0.99
C ARG A 8 0.74 8.66 2.00
N LYS A 9 0.45 8.44 3.27
CA LYS A 9 1.43 8.63 4.34
C LYS A 9 2.64 7.76 4.11
N PHE A 10 2.40 6.51 3.77
CA PHE A 10 3.48 5.57 3.53
C PHE A 10 4.22 5.89 2.25
N ALA A 11 3.47 6.19 1.20
CA ALA A 11 4.09 6.55 -0.08
C ALA A 11 4.92 7.82 0.07
N SER A 12 4.47 8.71 0.95
CA SER A 12 5.18 9.95 1.23
C SER A 12 6.43 9.65 2.04
N ASP A 13 6.41 8.55 2.77
CA ASP A 13 7.53 8.12 3.60
C ASP A 13 8.57 7.40 2.74
N GLY A 14 8.13 6.95 1.58
CA GLY A 14 8.98 6.19 0.69
C GLY A 14 8.70 4.72 0.77
N ALA A 15 7.49 4.36 1.18
CA ALA A 15 7.06 2.97 1.18
C ALA A 15 6.67 2.56 -0.23
N GLN A 16 7.57 1.87 -0.89
CA GLN A 16 7.40 1.49 -2.29
C GLN A 16 6.11 0.71 -2.51
N TRP A 17 5.75 -0.16 -1.58
CA TRP A 17 4.52 -0.91 -1.68
C TRP A 17 3.33 0.06 -1.79
N ALA A 18 3.28 1.07 -0.92
CA ALA A 18 2.19 2.03 -0.92
C ALA A 18 2.23 2.92 -2.16
N ILE A 19 3.43 3.35 -2.52
CA ILE A 19 3.64 4.15 -3.72
C ILE A 19 3.09 3.43 -4.95
N LYS A 20 3.43 2.17 -5.07
CA LYS A 20 2.93 1.34 -6.16
C LYS A 20 1.43 1.10 -6.04
N TRP A 21 1.00 0.74 -4.84
CA TRP A 21 -0.38 0.36 -4.57
C TRP A 21 -1.34 1.51 -4.86
N GLN A 22 -0.97 2.70 -4.41
CA GLN A 22 -1.84 3.86 -4.51
C GLN A 22 -2.07 4.30 -5.96
N LYS A 23 -0.99 4.56 -6.66
CA LYS A 23 -1.07 5.16 -7.99
C LYS A 23 -1.15 4.12 -9.09
N LYS A 24 -0.30 3.11 -9.02
CA LYS A 24 -0.20 2.14 -10.08
C LYS A 24 -1.30 1.09 -9.98
N GLY A 25 -1.95 1.09 -8.83
CA GLY A 25 -3.03 0.16 -8.60
C GLY A 25 -2.65 -0.91 -7.60
N TRP A 26 -3.63 -1.38 -6.85
CA TRP A 26 -3.40 -2.35 -5.79
C TRP A 26 -2.99 -3.71 -6.37
N SER A 27 -3.29 -3.91 -7.64
CA SER A 27 -2.92 -5.11 -8.35
C SER A 27 -1.39 -5.22 -8.55
N THR A 28 -0.67 -4.11 -8.40
CA THR A 28 0.74 -4.07 -8.78
C THR A 28 1.66 -4.69 -7.72
N LEU A 29 1.17 -4.87 -6.51
CA LEU A 29 1.98 -5.44 -5.45
C LEU A 29 1.91 -6.94 -5.44
N THR A 30 2.97 -7.57 -4.98
CA THR A 30 3.02 -9.01 -4.83
C THR A 30 2.44 -9.39 -3.48
N SER A 31 2.21 -10.67 -3.24
CA SER A 31 1.58 -11.11 -2.01
C SER A 31 2.37 -10.64 -0.78
N ARG A 32 3.69 -10.69 -0.87
CA ARG A 32 4.55 -10.28 0.24
C ARG A 32 4.40 -8.79 0.54
N GLN A 33 4.39 -7.96 -0.50
CA GLN A 33 4.24 -6.53 -0.31
C GLN A 33 2.86 -6.20 0.23
N LYS A 34 1.86 -6.96 -0.21
CA LYS A 34 0.52 -6.82 0.31
C LYS A 34 0.48 -7.21 1.78
N GLN A 35 1.20 -8.26 2.14
CA GLN A 35 1.30 -8.70 3.54
C GLN A 35 1.88 -7.59 4.40
N THR A 36 2.96 -7.01 3.93
CA THR A 36 3.60 -5.90 4.61
C THR A 36 2.64 -4.75 4.77
N ALA A 37 1.86 -4.54 3.73
CA ALA A 37 0.83 -3.53 3.71
C ALA A 37 -0.28 -3.85 4.72
N ARG A 38 -0.64 -5.12 4.82
CA ARG A 38 -1.67 -5.57 5.76
C ARG A 38 -1.28 -5.25 7.19
N ALA A 39 0.01 -5.26 7.47
CA ALA A 39 0.49 -4.98 8.80
C ALA A 39 0.42 -3.49 9.11
N ALA A 40 0.86 -2.68 8.16
CA ALA A 40 0.87 -1.22 8.32
C ALA A 40 -0.55 -0.65 8.28
N MET A 41 -1.33 -1.10 7.31
CA MET A 41 -2.67 -0.56 7.09
C MET A 41 -3.73 -1.31 7.89
N GLY A 42 -3.36 -2.46 8.42
CA GLY A 42 -4.30 -3.27 9.17
C GLY A 42 -5.29 -3.98 8.27
N ILE A 43 -4.90 -4.20 7.03
CA ILE A 43 -5.77 -4.82 6.03
C ILE A 43 -5.91 -6.31 6.26
N LYS A 44 -7.11 -6.82 6.04
CA LYS A 44 -7.39 -8.23 6.19
C LYS A 44 -7.67 -8.88 4.83
N LEU A 45 -7.76 -8.06 3.80
CA LEU A 45 -7.97 -8.53 2.44
C LEU A 45 -6.74 -9.28 1.92
N MET A 1 -11.10 1.26 -1.62
CA MET A 1 -10.01 2.25 -1.52
C MET A 1 -9.32 2.41 -2.86
N GLU A 2 -8.95 3.64 -3.19
CA GLU A 2 -8.21 3.94 -4.41
C GLU A 2 -7.04 4.83 -4.11
N ASN A 3 -7.20 5.68 -3.12
CA ASN A 3 -6.18 6.63 -2.75
C ASN A 3 -6.35 7.04 -1.30
N ASP A 4 -6.36 6.04 -0.42
CA ASP A 4 -6.58 6.25 1.00
C ASP A 4 -5.45 7.09 1.59
N PRO A 5 -5.76 7.88 2.63
CA PRO A 5 -4.82 8.80 3.28
C PRO A 5 -3.69 8.06 3.97
N ARG A 6 -3.99 6.87 4.47
CA ARG A 6 -2.99 6.00 5.06
C ARG A 6 -1.95 5.65 4.01
N VAL A 7 -2.44 5.25 2.85
CA VAL A 7 -1.58 4.84 1.73
C VAL A 7 -0.65 5.98 1.33
N ARG A 8 -1.16 7.20 1.43
CA ARG A 8 -0.38 8.38 1.10
C ARG A 8 0.73 8.61 2.11
N LYS A 9 0.44 8.34 3.38
CA LYS A 9 1.41 8.52 4.45
C LYS A 9 2.64 7.66 4.20
N PHE A 10 2.40 6.41 3.85
CA PHE A 10 3.49 5.47 3.60
C PHE A 10 4.22 5.79 2.32
N ALA A 11 3.47 6.09 1.27
CA ALA A 11 4.08 6.42 -0.02
C ALA A 11 4.96 7.67 0.12
N SER A 12 4.55 8.58 0.99
CA SER A 12 5.33 9.78 1.26
C SER A 12 6.55 9.42 2.11
N ASP A 13 6.41 8.34 2.87
CA ASP A 13 7.48 7.83 3.73
C ASP A 13 8.53 7.12 2.89
N GLY A 14 8.13 6.73 1.69
CA GLY A 14 9.00 6.00 0.80
C GLY A 14 8.69 4.52 0.80
N ALA A 15 7.48 4.18 1.21
CA ALA A 15 7.02 2.81 1.14
C ALA A 15 6.66 2.46 -0.30
N GLN A 16 7.57 1.76 -0.96
CA GLN A 16 7.40 1.36 -2.36
C GLN A 16 6.08 0.64 -2.57
N TRP A 17 5.70 -0.19 -1.61
CA TRP A 17 4.46 -0.93 -1.69
C TRP A 17 3.28 0.03 -1.79
N ALA A 18 3.25 1.05 -0.94
CA ALA A 18 2.17 2.02 -0.91
C ALA A 18 2.19 2.90 -2.16
N ILE A 19 3.40 3.29 -2.54
CA ILE A 19 3.62 4.07 -3.75
C ILE A 19 3.04 3.34 -4.95
N LYS A 20 3.35 2.06 -5.05
CA LYS A 20 2.81 1.22 -6.13
C LYS A 20 1.31 1.04 -6.00
N TRP A 21 0.87 0.66 -4.80
CA TRP A 21 -0.54 0.37 -4.53
C TRP A 21 -1.43 1.58 -4.83
N GLN A 22 -0.97 2.73 -4.40
CA GLN A 22 -1.69 3.97 -4.62
C GLN A 22 -1.71 4.38 -6.08
N LYS A 23 -0.54 4.48 -6.68
CA LYS A 23 -0.39 5.08 -8.00
C LYS A 23 -0.78 4.14 -9.13
N LYS A 24 -0.21 2.95 -9.11
CA LYS A 24 -0.36 2.03 -10.22
C LYS A 24 -1.51 1.06 -9.97
N GLY A 25 -2.05 1.14 -8.77
CA GLY A 25 -3.16 0.28 -8.42
C GLY A 25 -2.76 -0.84 -7.49
N TRP A 26 -3.74 -1.36 -6.76
CA TRP A 26 -3.49 -2.37 -5.74
C TRP A 26 -3.06 -3.69 -6.37
N SER A 27 -3.37 -3.87 -7.65
CA SER A 27 -3.02 -5.08 -8.37
C SER A 27 -1.51 -5.25 -8.56
N THR A 28 -0.75 -4.17 -8.41
CA THR A 28 0.66 -4.16 -8.82
C THR A 28 1.60 -4.74 -7.76
N LEU A 29 1.14 -4.89 -6.53
CA LEU A 29 1.98 -5.40 -5.46
C LEU A 29 2.02 -6.91 -5.44
N THR A 30 3.13 -7.42 -4.94
CA THR A 30 3.30 -8.85 -4.78
C THR A 30 2.73 -9.25 -3.42
N SER A 31 2.61 -10.54 -3.16
CA SER A 31 1.99 -11.01 -1.93
C SER A 31 2.70 -10.45 -0.71
N ARG A 32 4.04 -10.45 -0.76
CA ARG A 32 4.82 -9.98 0.38
C ARG A 32 4.58 -8.50 0.65
N GLN A 33 4.54 -7.70 -0.40
CA GLN A 33 4.30 -6.27 -0.25
C GLN A 33 2.87 -5.99 0.19
N LYS A 34 1.93 -6.81 -0.28
CA LYS A 34 0.56 -6.68 0.16
C LYS A 34 0.45 -7.02 1.64
N GLN A 35 1.10 -8.11 2.07
CA GLN A 35 1.10 -8.51 3.47
C GLN A 35 1.73 -7.44 4.34
N THR A 36 2.85 -6.90 3.88
CA THR A 36 3.51 -5.82 4.58
C THR A 36 2.57 -4.63 4.71
N ALA A 37 1.85 -4.37 3.64
CA ALA A 37 0.85 -3.34 3.61
C ALA A 37 -0.24 -3.59 4.64
N ARG A 38 -0.69 -4.83 4.71
CA ARG A 38 -1.74 -5.22 5.64
C ARG A 38 -1.31 -5.01 7.08
N ALA A 39 -0.02 -5.14 7.32
CA ALA A 39 0.54 -4.93 8.65
C ALA A 39 0.61 -3.44 8.98
N ALA A 40 1.10 -2.66 8.02
CA ALA A 40 1.25 -1.22 8.21
C ALA A 40 -0.11 -0.51 8.23
N MET A 41 -0.98 -0.91 7.33
CA MET A 41 -2.28 -0.26 7.17
C MET A 41 -3.32 -0.85 8.11
N GLY A 42 -2.98 -2.00 8.68
CA GLY A 42 -3.92 -2.69 9.56
C GLY A 42 -5.04 -3.35 8.79
N ILE A 43 -4.78 -3.63 7.51
CA ILE A 43 -5.78 -4.19 6.62
C ILE A 43 -6.06 -5.65 6.94
N LYS A 44 -7.33 -5.98 6.98
CA LYS A 44 -7.76 -7.33 7.25
C LYS A 44 -8.44 -7.93 6.03
N LEU A 45 -8.50 -7.14 4.97
CA LEU A 45 -9.09 -7.58 3.71
C LEU A 45 -8.34 -8.77 3.14
#